data_8C7Y
#
_entry.id   8C7Y
#
_cell.length_a   49.269
_cell.length_b   97.739
_cell.length_c   115.279
_cell.angle_alpha   90.00
_cell.angle_beta   90.00
_cell.angle_gamma   90.00
#
_symmetry.space_group_name_H-M   'P 21 21 21'
#
loop_
_entity.id
_entity.type
_entity.pdbx_description
1 polymer 'Serine/threonine-protein kinase B-raf'
2 non-polymer 1,2-ETHANEDIOL
3 non-polymer 'NITRATE ION'
4 non-polymer ~{N}-[3-[(5-chloranyl-1~{H}-pyrrolo[2,3-b]pyridin-3-yl)carbonyl]-2,4-bis(fluoranyl)phenyl]-3-(2-cyanopropan-2-yl)benzamide
5 water water
#
_entity_poly.entity_id   1
_entity_poly.type   'polypeptide(L)'
_entity_poly.pdbx_seq_one_letter_code
;SMRDSSDDWEIPDGQITVGQRIGSGSFGTVYKGKWHGDVAVKMLNVTAPTPQQLQAFKNEVGVLRKTRHVNILLFMGYST
KPQLAIVTQWCEGSSLYHHLHASETKFEMKKLIDIARQTARGMDYLHAKSIIHRDLKSNNIFLHEDNTVKIGDFGLATEK
SRWSGSHQFEQLSGSILWMAPEVIRMQDSNPYSFQSDVYAFGIVLYELMTGQLPYSNINNRDQIIEMVGRGSLSPDLSKV
RSNCPKRMKRLMAECLKKKRDERPSFPRILAEIEELARELSG
;
_entity_poly.pdbx_strand_id   A,B
#
# COMPACT_ATOMS: atom_id res chain seq x y z
N ASP A 7 11.13 13.20 15.68
CA ASP A 7 10.83 11.92 14.96
C ASP A 7 10.51 12.14 13.49
N ASP A 8 10.97 11.15 12.73
CA ASP A 8 10.95 11.16 11.30
C ASP A 8 9.53 11.20 10.71
N TRP A 9 8.50 10.71 11.44
CA TRP A 9 7.13 10.63 10.86
C TRP A 9 6.22 11.76 11.28
N GLU A 10 6.74 12.71 12.07
CA GLU A 10 5.93 13.83 12.44
C GLU A 10 5.80 14.74 11.24
N ILE A 11 4.60 15.15 10.91
CA ILE A 11 4.32 16.08 9.83
C ILE A 11 4.08 17.49 10.41
N PRO A 12 4.93 18.45 10.03
CA PRO A 12 4.77 19.83 10.54
C PRO A 12 3.41 20.42 10.23
N ASP A 13 2.91 21.29 11.13
CA ASP A 13 1.64 21.92 10.94
C ASP A 13 1.73 22.80 9.71
N GLY A 14 0.64 22.86 8.97
CA GLY A 14 0.52 23.65 7.77
C GLY A 14 0.63 22.87 6.48
N GLN A 15 1.18 21.67 6.54
CA GLN A 15 1.44 20.95 5.31
C GLN A 15 0.20 20.25 4.78
N ILE A 16 -0.65 19.73 5.67
CA ILE A 16 -1.80 18.96 5.23
C ILE A 16 -2.98 19.87 5.01
N THR A 17 -3.62 19.78 3.86
CA THR A 17 -4.90 20.41 3.65
C THR A 17 -5.99 19.44 4.06
N VAL A 18 -6.71 19.78 5.13
CA VAL A 18 -7.73 18.91 5.66
C VAL A 18 -9.01 19.22 4.92
N GLY A 19 -9.55 18.23 4.21
CA GLY A 19 -10.68 18.40 3.36
C GLY A 19 -11.98 17.86 3.95
N GLN A 20 -12.75 17.18 3.11
CA GLN A 20 -14.10 16.74 3.50
C GLN A 20 -14.09 15.86 4.75
N ARG A 21 -15.04 16.12 5.64
CA ARG A 21 -15.26 15.22 6.77
C ARG A 21 -15.95 13.97 6.28
N ILE A 22 -15.42 12.80 6.63
CA ILE A 22 -15.95 11.53 6.15
C ILE A 22 -16.80 10.87 7.22
N GLY A 23 -16.33 10.87 8.46
CA GLY A 23 -17.16 10.33 9.54
C GLY A 23 -16.62 10.70 10.89
N SER A 24 -17.50 10.67 11.89
CA SER A 24 -17.17 11.02 13.28
C SER A 24 -17.80 9.99 14.18
N GLY A 25 -17.23 9.82 15.37
CA GLY A 25 -17.75 8.81 16.29
C GLY A 25 -16.85 8.67 17.48
N SER A 26 -16.92 7.50 18.13
CA SER A 26 -16.10 7.20 19.30
C SER A 26 -14.61 7.14 18.93
N PHE A 27 -14.33 6.89 17.65
CA PHE A 27 -12.93 6.97 17.11
C PHE A 27 -12.29 8.38 16.86
N GLY A 28 -13.05 9.47 17.04
CA GLY A 28 -12.60 10.80 16.62
C GLY A 28 -13.26 11.14 15.31
N THR A 29 -12.56 11.90 14.45
CA THR A 29 -13.14 12.31 13.18
C THR A 29 -12.13 12.06 12.07
N VAL A 30 -12.62 11.45 10.99
CA VAL A 30 -11.79 11.18 9.80
C VAL A 30 -12.15 12.10 8.67
N TYR A 31 -11.10 12.69 8.07
CA TYR A 31 -11.24 13.59 6.93
C TYR A 31 -10.44 13.06 5.76
N LYS A 32 -10.86 13.38 4.54
CA LYS A 32 -9.98 13.26 3.37
C LYS A 32 -9.08 14.49 3.37
N GLY A 33 -7.84 14.31 2.98
CA GLY A 33 -6.90 15.42 2.96
C GLY A 33 -5.91 15.33 1.81
N LYS A 34 -5.17 16.41 1.65
CA LYS A 34 -4.09 16.49 0.67
C LYS A 34 -2.75 16.66 1.34
N TRP A 35 -1.82 15.79 0.99
CA TRP A 35 -0.46 15.86 1.50
C TRP A 35 0.36 14.98 0.56
N HIS A 36 1.03 15.61 -0.43
CA HIS A 36 1.69 14.86 -1.48
C HIS A 36 0.79 13.86 -2.16
N GLY A 37 -0.44 14.27 -2.41
CA GLY A 37 -1.48 13.38 -2.87
C GLY A 37 -2.59 13.21 -1.88
N ASP A 38 -3.39 12.16 -2.05
CA ASP A 38 -4.54 11.94 -1.17
C ASP A 38 -4.10 11.25 0.13
N VAL A 39 -4.67 11.66 1.23
CA VAL A 39 -4.49 11.02 2.51
C VAL A 39 -5.79 10.93 3.23
N ALA A 40 -5.83 10.10 4.28
CA ALA A 40 -6.85 10.22 5.32
C ALA A 40 -6.19 10.77 6.57
N VAL A 41 -6.93 11.59 7.29
CA VAL A 41 -6.46 12.22 8.50
C VAL A 41 -7.49 11.93 9.58
N LYS A 42 -7.11 11.25 10.64
CA LYS A 42 -7.97 10.98 11.80
C LYS A 42 -7.54 11.88 12.92
N MET A 43 -8.44 12.76 13.31
CA MET A 43 -8.17 13.69 14.40
C MET A 43 -8.91 13.23 15.67
N LEU A 44 -8.19 13.23 16.81
CA LEU A 44 -8.65 12.57 18.07
C LEU A 44 -9.07 13.56 19.14
N ASN A 45 -8.94 14.83 18.84
CA ASN A 45 -9.38 15.86 19.78
C ASN A 45 -9.58 17.13 19.01
N VAL A 46 -10.27 18.09 19.64
CA VAL A 46 -10.37 19.45 19.12
C VAL A 46 -9.67 20.40 20.09
N THR A 47 -10.05 20.34 21.37
CA THR A 47 -9.39 21.18 22.35
C THR A 47 -8.18 20.41 22.95
N ALA A 48 -7.57 21.00 23.95
CA ALA A 48 -6.47 20.34 24.70
C ALA A 48 -6.77 18.85 24.96
N PRO A 49 -5.87 17.94 24.53
CA PRO A 49 -6.21 16.52 24.74
C PRO A 49 -6.09 16.06 26.21
N THR A 50 -6.98 15.15 26.59
CA THR A 50 -6.92 14.52 27.90
C THR A 50 -5.77 13.52 27.94
N PRO A 51 -5.37 13.09 29.14
CA PRO A 51 -4.37 12.02 29.26
C PRO A 51 -4.70 10.76 28.48
N GLN A 52 -5.97 10.37 28.55
CA GLN A 52 -6.50 9.23 27.80
C GLN A 52 -6.35 9.38 26.31
N GLN A 53 -6.69 10.54 25.80
CA GLN A 53 -6.58 10.83 24.38
C GLN A 53 -5.13 10.80 23.94
N LEU A 54 -4.25 11.41 24.71
CA LEU A 54 -2.83 11.43 24.37
C LEU A 54 -2.26 10.00 24.34
N GLN A 55 -2.59 9.23 25.37
CA GLN A 55 -2.11 7.85 25.40
C GLN A 55 -2.72 7.00 24.29
N ALA A 56 -4.01 7.16 23.99
CA ALA A 56 -4.58 6.43 22.85
C ALA A 56 -3.88 6.77 21.52
N PHE A 57 -3.57 8.05 21.33
CA PHE A 57 -2.88 8.53 20.13
C PHE A 57 -1.48 7.94 20.03
N LYS A 58 -0.73 7.99 21.12
CA LYS A 58 0.60 7.42 21.15
C LYS A 58 0.57 5.92 20.81
N ASN A 59 -0.40 5.22 21.40
CA ASN A 59 -0.48 3.77 21.20
C ASN A 59 -0.83 3.47 19.75
N GLU A 60 -1.79 4.20 19.18
CA GLU A 60 -2.21 3.90 17.80
C GLU A 60 -1.06 4.17 16.81
N VAL A 61 -0.37 5.29 16.99
CA VAL A 61 0.81 5.57 16.17
C VAL A 61 1.86 4.46 16.37
N GLY A 62 2.06 4.00 17.61
CA GLY A 62 3.06 3.01 17.88
C GLY A 62 2.73 1.68 17.22
N VAL A 63 1.43 1.30 17.21
CA VAL A 63 1.02 0.05 16.55
C VAL A 63 1.22 0.18 15.04
N LEU A 64 0.72 1.27 14.48
CA LEU A 64 0.76 1.48 13.02
C LEU A 64 2.16 1.57 12.48
N ARG A 65 3.05 2.22 13.24
CA ARG A 65 4.45 2.35 12.77
C ARG A 65 5.20 1.04 12.66
N LYS A 66 4.69 -0.04 13.25
CA LYS A 66 5.28 -1.33 13.12
C LYS A 66 4.92 -2.02 11.83
N THR A 67 4.06 -1.42 11.01
CA THR A 67 3.52 -2.13 9.88
C THR A 67 3.95 -1.57 8.51
N ARG A 68 4.44 -2.50 7.67
CA ARG A 68 4.76 -2.21 6.24
C ARG A 68 4.38 -3.42 5.45
N HIS A 69 3.15 -3.44 4.98
CA HIS A 69 2.65 -4.61 4.22
C HIS A 69 1.55 -4.12 3.27
N VAL A 70 1.50 -4.63 2.06
CA VAL A 70 0.51 -4.20 1.06
CA VAL A 70 0.49 -4.14 1.08
C VAL A 70 -0.95 -4.33 1.54
N ASN A 71 -1.23 -5.30 2.38
CA ASN A 71 -2.60 -5.56 2.83
C ASN A 71 -2.96 -4.92 4.16
N ILE A 72 -2.07 -4.08 4.72
CA ILE A 72 -2.39 -3.35 5.91
C ILE A 72 -2.43 -1.88 5.54
N LEU A 73 -3.47 -1.19 5.94
CA LEU A 73 -3.56 0.29 5.73
C LEU A 73 -2.24 0.96 5.93
N LEU A 74 -1.78 1.76 4.97
CA LEU A 74 -0.45 2.38 5.08
C LEU A 74 -0.45 3.58 5.99
N PHE A 75 0.24 3.45 7.12
CA PHE A 75 0.51 4.59 7.99
C PHE A 75 1.47 5.51 7.26
N MET A 76 1.23 6.82 7.36
CA MET A 76 2.14 7.78 6.68
C MET A 76 2.76 8.81 7.66
N GLY A 77 2.09 9.18 8.75
CA GLY A 77 2.68 10.18 9.63
C GLY A 77 1.71 10.58 10.70
N TYR A 78 2.12 11.53 11.53
CA TYR A 78 1.22 12.09 12.54
C TYR A 78 1.51 13.55 12.74
N SER A 79 0.56 14.22 13.33
CA SER A 79 0.77 15.60 13.81
C SER A 79 0.32 15.70 15.25
N THR A 80 0.90 16.67 15.99
CA THR A 80 0.45 16.89 17.38
C THR A 80 -0.19 18.25 17.65
N LYS A 81 -0.04 19.18 16.75
CA LYS A 81 -0.56 20.54 16.98
C LYS A 81 -1.15 21.07 15.69
N PRO A 82 -2.35 21.69 15.72
CA PRO A 82 -3.14 21.98 16.94
C PRO A 82 -3.94 20.79 17.44
N GLN A 83 -4.02 19.72 16.65
CA GLN A 83 -4.77 18.58 17.02
C GLN A 83 -3.89 17.38 16.89
N LEU A 84 -4.16 16.37 17.69
CA LEU A 84 -3.53 15.07 17.51
C LEU A 84 -4.09 14.48 16.21
N ALA A 85 -3.25 14.07 15.27
CA ALA A 85 -3.78 13.58 13.99
C ALA A 85 -2.96 12.41 13.55
N ILE A 86 -3.63 11.39 13.04
CA ILE A 86 -2.96 10.21 12.48
C ILE A 86 -3.25 10.22 10.99
N VAL A 87 -2.18 10.17 10.18
CA VAL A 87 -2.28 10.31 8.74
C VAL A 87 -1.92 8.98 8.08
N THR A 88 -2.79 8.51 7.18
CA THR A 88 -2.61 7.27 6.49
C THR A 88 -2.96 7.45 5.03
N GLN A 89 -2.76 6.42 4.22
CA GLN A 89 -3.25 6.47 2.86
C GLN A 89 -4.77 6.63 2.87
N TRP A 90 -5.25 7.18 1.78
CA TRP A 90 -6.66 7.19 1.47
C TRP A 90 -7.05 5.89 0.81
N CYS A 91 -8.15 5.29 1.24
CA CYS A 91 -8.66 4.08 0.58
C CYS A 91 -9.88 4.48 -0.22
N GLU A 92 -9.94 3.98 -1.45
CA GLU A 92 -11.02 4.33 -2.41
C GLU A 92 -11.83 3.09 -2.75
N GLY A 93 -13.11 3.14 -2.37
CA GLY A 93 -14.02 2.02 -2.60
C GLY A 93 -14.92 1.82 -1.40
N SER A 94 -15.16 0.54 -1.07
CA SER A 94 -16.06 0.16 0.01
C SER A 94 -15.47 -1.01 0.77
N SER A 95 -15.91 -1.19 2.00
CA SER A 95 -15.53 -2.39 2.77
C SER A 95 -16.19 -3.65 2.20
N LEU A 96 -15.66 -4.78 2.61
CA LEU A 96 -16.25 -6.07 2.29
C LEU A 96 -17.66 -6.16 2.83
N TYR A 97 -17.87 -5.66 4.05
CA TYR A 97 -19.22 -5.68 4.65
C TYR A 97 -20.20 -4.92 3.73
N HIS A 98 -19.80 -3.72 3.30
CA HIS A 98 -20.67 -2.92 2.44
C HIS A 98 -20.99 -3.65 1.12
N HIS A 99 -19.99 -4.29 0.55
CA HIS A 99 -20.21 -5.08 -0.69
C HIS A 99 -21.16 -6.24 -0.49
N LEU A 100 -20.88 -7.05 0.51
CA LEU A 100 -21.64 -8.28 0.67
C LEU A 100 -23.05 -8.05 1.22
N HIS A 101 -23.20 -7.10 2.16
CA HIS A 101 -24.42 -6.99 2.92
C HIS A 101 -25.23 -5.76 2.69
N ALA A 102 -24.64 -4.73 2.10
CA ALA A 102 -25.36 -3.49 1.81
C ALA A 102 -25.52 -3.24 0.34
N SER A 103 -24.80 -3.95 -0.56
CA SER A 103 -24.75 -3.58 -2.00
C SER A 103 -25.12 -4.70 -2.93
N GLU A 104 -25.28 -5.91 -2.41
CA GLU A 104 -25.54 -7.08 -3.24
C GLU A 104 -24.45 -7.28 -4.29
N THR A 105 -23.20 -6.99 -3.95
CA THR A 105 -22.14 -7.33 -4.88
C THR A 105 -22.02 -8.86 -5.05
N LYS A 106 -21.89 -9.31 -6.29
CA LYS A 106 -21.81 -10.74 -6.60
C LYS A 106 -20.42 -11.06 -7.09
N PHE A 107 -19.57 -11.54 -6.24
CA PHE A 107 -18.24 -11.83 -6.64
C PHE A 107 -18.18 -13.28 -7.15
N GLU A 108 -17.32 -13.50 -8.14
CA GLU A 108 -16.97 -14.83 -8.61
C GLU A 108 -16.12 -15.51 -7.55
N MET A 109 -16.19 -16.84 -7.53
CA MET A 109 -15.42 -17.57 -6.52
C MET A 109 -13.91 -17.25 -6.54
N LYS A 110 -13.30 -17.13 -7.72
CA LYS A 110 -11.89 -16.79 -7.74
C LYS A 110 -11.63 -15.50 -6.98
N LYS A 111 -12.52 -14.53 -7.10
CA LYS A 111 -12.37 -13.25 -6.39
C LYS A 111 -12.66 -13.39 -4.90
N LEU A 112 -13.64 -14.19 -4.54
CA LEU A 112 -13.91 -14.48 -3.08
C LEU A 112 -12.69 -15.07 -2.43
N ILE A 113 -12.07 -16.00 -3.14
CA ILE A 113 -10.84 -16.64 -2.61
C ILE A 113 -9.67 -15.64 -2.57
N ASP A 114 -9.58 -14.75 -3.54
CA ASP A 114 -8.53 -13.75 -3.50
C ASP A 114 -8.71 -12.79 -2.35
N ILE A 115 -9.95 -12.41 -2.06
CA ILE A 115 -10.19 -11.59 -0.89
C ILE A 115 -9.76 -12.33 0.40
N ALA A 116 -10.10 -13.62 0.50
CA ALA A 116 -9.67 -14.38 1.66
C ALA A 116 -8.16 -14.44 1.76
N ARG A 117 -7.53 -14.66 0.61
CA ARG A 117 -6.06 -14.81 0.53
C ARG A 117 -5.36 -13.50 0.98
N GLN A 118 -5.80 -12.38 0.45
CA GLN A 118 -5.17 -11.11 0.82
C GLN A 118 -5.43 -10.78 2.27
N THR A 119 -6.64 -11.07 2.77
CA THR A 119 -6.90 -10.87 4.17
C THR A 119 -6.00 -11.76 5.05
N ALA A 120 -5.82 -13.01 4.66
CA ALA A 120 -4.94 -13.92 5.40
C ALA A 120 -3.49 -13.43 5.38
N ARG A 121 -3.03 -12.89 4.23
CA ARG A 121 -1.67 -12.33 4.18
C ARG A 121 -1.51 -11.21 5.18
N GLY A 122 -2.47 -10.26 5.20
CA GLY A 122 -2.39 -9.15 6.12
C GLY A 122 -2.37 -9.62 7.56
N MET A 123 -3.27 -10.55 7.89
CA MET A 123 -3.36 -11.05 9.27
C MET A 123 -2.14 -11.86 9.68
N ASP A 124 -1.60 -12.66 8.76
CA ASP A 124 -0.38 -13.40 9.02
C ASP A 124 0.75 -12.42 9.34
N TYR A 125 0.82 -11.35 8.57
CA TYR A 125 1.81 -10.29 8.83
C TYR A 125 1.63 -9.64 10.20
N LEU A 126 0.41 -9.23 10.53
CA LEU A 126 0.16 -8.67 11.86
C LEU A 126 0.62 -9.58 12.97
N HIS A 127 0.27 -10.85 12.87
CA HIS A 127 0.63 -11.80 13.93
C HIS A 127 2.14 -11.98 13.96
N ALA A 128 2.78 -11.94 12.79
CA ALA A 128 4.29 -11.99 12.78
C ALA A 128 4.90 -10.82 13.48
N LYS A 129 4.23 -9.66 13.47
CA LYS A 129 4.66 -8.46 14.20
C LYS A 129 4.10 -8.39 15.62
N SER A 130 3.53 -9.49 16.09
CA SER A 130 2.97 -9.63 17.43
C SER A 130 1.83 -8.69 17.69
N ILE A 131 1.05 -8.37 16.64
CA ILE A 131 -0.10 -7.47 16.75
C ILE A 131 -1.37 -8.30 16.65
N ILE A 132 -2.13 -8.35 17.72
CA ILE A 132 -3.51 -8.88 17.69
C ILE A 132 -4.37 -7.75 17.20
N HIS A 133 -5.18 -7.99 16.18
CA HIS A 133 -6.00 -6.94 15.64
C HIS A 133 -7.07 -6.48 16.62
N ARG A 134 -7.77 -7.45 17.22
CA ARG A 134 -8.85 -7.29 18.19
C ARG A 134 -10.22 -6.98 17.63
N ASP A 135 -10.29 -6.61 16.36
CA ASP A 135 -11.60 -6.22 15.79
C ASP A 135 -11.67 -6.53 14.32
N LEU A 136 -11.17 -7.68 13.92
CA LEU A 136 -11.30 -8.11 12.53
C LEU A 136 -12.76 -8.46 12.26
N LYS A 137 -13.23 -7.97 11.13
CA LYS A 137 -14.61 -8.16 10.70
C LYS A 137 -14.67 -7.61 9.27
N SER A 138 -15.72 -7.94 8.55
CA SER A 138 -15.74 -7.54 7.15
C SER A 138 -15.82 -6.04 6.94
N ASN A 139 -16.34 -5.29 7.89
CA ASN A 139 -16.30 -3.82 7.73
C ASN A 139 -14.93 -3.20 7.92
N ASN A 140 -13.97 -3.97 8.45
CA ASN A 140 -12.59 -3.53 8.55
C ASN A 140 -11.69 -4.08 7.48
N ILE A 141 -12.27 -4.69 6.46
CA ILE A 141 -11.57 -5.22 5.32
C ILE A 141 -11.95 -4.34 4.12
N PHE A 142 -11.05 -3.41 3.74
CA PHE A 142 -11.38 -2.39 2.74
C PHE A 142 -10.98 -2.92 1.36
N LEU A 143 -11.94 -2.93 0.42
CA LEU A 143 -11.60 -3.37 -0.92
C LEU A 143 -11.17 -2.16 -1.77
N HIS A 144 -9.88 -1.86 -1.71
CA HIS A 144 -9.31 -0.61 -2.27
C HIS A 144 -9.14 -0.78 -3.75
N GLU A 145 -9.65 0.17 -4.49
CA GLU A 145 -9.59 0.12 -5.96
CA GLU A 145 -9.65 0.14 -5.96
C GLU A 145 -10.04 -1.23 -6.53
N ASP A 146 -10.99 -1.87 -5.85
CA ASP A 146 -11.49 -3.30 -6.15
C ASP A 146 -10.43 -4.34 -6.68
N ASN A 147 -9.29 -4.26 -6.04
CA ASN A 147 -8.26 -5.21 -6.38
C ASN A 147 -7.27 -5.50 -5.25
N THR A 148 -7.29 -4.64 -4.26
CA THR A 148 -6.43 -4.81 -3.15
C THR A 148 -7.14 -4.70 -1.81
N VAL A 149 -6.96 -5.70 -0.96
CA VAL A 149 -7.48 -5.61 0.39
C VAL A 149 -6.58 -4.76 1.26
N LYS A 150 -7.18 -3.83 1.99
CA LYS A 150 -6.49 -3.11 3.06
C LYS A 150 -7.20 -3.39 4.35
N ILE A 151 -6.54 -4.06 5.29
CA ILE A 151 -7.10 -4.22 6.61
C ILE A 151 -6.76 -2.99 7.41
N GLY A 152 -7.78 -2.47 8.12
CA GLY A 152 -7.61 -1.41 9.06
C GLY A 152 -8.41 -1.64 10.32
N ASP A 153 -8.40 -0.68 11.22
CA ASP A 153 -9.40 -0.64 12.29
C ASP A 153 -10.07 0.72 12.16
N PHE A 154 -11.15 0.74 11.38
CA PHE A 154 -11.79 1.96 10.94
C PHE A 154 -12.78 2.48 12.00
N GLY A 155 -12.96 1.78 13.12
CA GLY A 155 -13.85 2.25 14.26
C GLY A 155 -13.21 2.07 15.65
N LEU A 156 -11.90 2.36 15.80
CA LEU A 156 -11.26 2.18 17.09
C LEU A 156 -11.66 3.29 18.09
N ALA A 157 -12.29 2.87 19.18
CA ALA A 157 -12.79 3.80 20.19
C ALA A 157 -11.59 4.36 20.99
N THR A 158 -11.49 5.67 21.16
CA THR A 158 -10.42 6.27 21.97
C THR A 158 -10.58 5.97 23.47
N GLU A 159 -11.81 6.13 23.98
CA GLU A 159 -12.15 5.80 25.39
C GLU A 159 -12.23 4.28 25.53
N LYS A 160 -11.42 3.71 26.44
CA LYS A 160 -11.51 2.27 26.75
C LYS A 160 -12.21 2.13 28.09
N SER A 161 -13.13 1.17 28.21
CA SER A 161 -13.81 0.93 29.47
C SER A 161 -12.82 0.29 30.45
N ARG A 162 -13.00 0.60 31.72
CA ARG A 162 -12.26 -0.08 32.77
C ARG A 162 -12.93 -1.34 33.25
N TRP A 163 -14.21 -1.50 32.95
CA TRP A 163 -15.01 -2.54 33.56
C TRP A 163 -15.27 -3.66 32.57
N SER A 164 -14.74 -4.84 32.88
CA SER A 164 -15.07 -6.07 32.16
C SER A 164 -16.55 -6.47 32.40
N GLY A 165 -17.47 -5.86 31.63
CA GLY A 165 -18.91 -6.04 31.85
C GLY A 165 -19.80 -6.08 30.62
N SER A 166 -21.11 -6.21 30.89
CA SER A 166 -22.14 -6.41 29.87
C SER A 166 -22.69 -5.10 29.25
N HIS A 167 -22.29 -3.96 29.81
CA HIS A 167 -22.44 -2.65 29.15
C HIS A 167 -21.60 -2.53 27.86
N GLN A 168 -20.51 -3.32 27.77
CA GLN A 168 -19.61 -3.32 26.62
C GLN A 168 -20.31 -3.71 25.31
N PHE A 169 -21.31 -4.60 25.43
CA PHE A 169 -21.93 -5.24 24.28
C PHE A 169 -22.73 -4.28 23.40
N GLU A 170 -23.23 -3.19 24.02
CA GLU A 170 -23.90 -2.11 23.26
C GLU A 170 -22.87 -1.48 22.35
N GLN A 171 -21.84 -0.94 22.96
CA GLN A 171 -20.79 -0.25 22.21
C GLN A 171 -20.13 -1.12 21.13
N LEU A 172 -19.96 -2.40 21.41
CA LEU A 172 -19.40 -3.36 20.45
C LEU A 172 -20.47 -4.12 19.65
N SER A 173 -21.72 -3.56 19.52
CA SER A 173 -22.83 -4.22 18.79
C SER A 173 -22.48 -4.52 17.32
N GLY A 174 -21.64 -3.68 16.72
CA GLY A 174 -21.18 -3.89 15.37
C GLY A 174 -20.14 -4.98 15.24
N SER A 175 -19.68 -5.58 16.34
CA SER A 175 -18.68 -6.63 16.25
C SER A 175 -19.12 -7.98 16.82
N ILE A 176 -20.32 -8.06 17.38
CA ILE A 176 -20.72 -9.27 18.07
C ILE A 176 -20.61 -10.52 17.19
N LEU A 177 -20.94 -10.41 15.91
CA LEU A 177 -20.98 -11.61 15.08
C LEU A 177 -19.60 -12.23 14.89
N TRP A 178 -18.55 -11.43 15.08
CA TRP A 178 -17.17 -11.88 14.81
C TRP A 178 -16.43 -12.22 16.10
N MET A 179 -17.11 -12.11 17.24
CA MET A 179 -16.47 -12.33 18.55
CA MET A 179 -16.49 -12.32 18.58
C MET A 179 -16.43 -13.79 18.96
N ALA A 180 -15.21 -14.32 19.20
CA ALA A 180 -15.06 -15.71 19.65
C ALA A 180 -15.83 -15.93 20.97
N PRO A 181 -16.20 -17.18 21.23
CA PRO A 181 -16.95 -17.47 22.46
C PRO A 181 -16.24 -17.02 23.72
N GLU A 182 -14.93 -17.20 23.79
CA GLU A 182 -14.18 -16.76 24.99
C GLU A 182 -14.15 -15.25 25.13
N VAL A 183 -14.23 -14.53 24.01
CA VAL A 183 -14.31 -13.08 24.05
C VAL A 183 -15.68 -12.70 24.59
N ILE A 184 -16.74 -13.32 24.08
CA ILE A 184 -18.09 -13.07 24.59
CA ILE A 184 -18.07 -13.06 24.62
C ILE A 184 -18.13 -13.30 26.12
N ARG A 185 -17.60 -14.40 26.59
CA ARG A 185 -17.72 -14.72 28.00
C ARG A 185 -16.88 -13.83 28.94
N MET A 186 -15.77 -13.35 28.44
CA MET A 186 -14.96 -12.37 29.18
C MET A 186 -14.57 -12.97 30.52
N GLN A 187 -14.12 -14.21 30.55
CA GLN A 187 -13.72 -14.80 31.81
C GLN A 187 -12.24 -14.46 32.18
N ASP A 188 -11.50 -13.91 31.23
CA ASP A 188 -10.20 -13.25 31.47
C ASP A 188 -10.43 -11.74 31.28
N SER A 189 -9.63 -10.92 31.98
CA SER A 189 -9.71 -9.49 31.82
C SER A 189 -9.37 -8.97 30.42
N ASN A 190 -8.55 -9.70 29.69
CA ASN A 190 -8.27 -9.38 28.31
C ASN A 190 -8.28 -10.71 27.57
N PRO A 191 -9.45 -11.10 27.03
CA PRO A 191 -9.58 -12.44 26.47
C PRO A 191 -9.20 -12.52 24.98
N TYR A 192 -8.58 -11.48 24.45
CA TYR A 192 -8.21 -11.42 23.02
C TYR A 192 -6.87 -12.07 22.79
N SER A 193 -6.72 -12.74 21.64
CA SER A 193 -5.56 -13.48 21.34
C SER A 193 -5.39 -13.59 19.84
N PHE A 194 -4.26 -14.12 19.40
CA PHE A 194 -4.15 -14.52 17.99
C PHE A 194 -5.32 -15.41 17.58
N GLN A 195 -5.70 -16.30 18.51
CA GLN A 195 -6.75 -17.27 18.20
C GLN A 195 -8.12 -16.64 18.11
N SER A 196 -8.37 -15.56 18.85
CA SER A 196 -9.64 -14.86 18.65
C SER A 196 -9.68 -14.11 17.29
N ASP A 197 -8.53 -13.66 16.81
CA ASP A 197 -8.45 -13.06 15.46
C ASP A 197 -8.75 -14.14 14.40
N VAL A 198 -8.23 -15.34 14.62
CA VAL A 198 -8.51 -16.45 13.72
C VAL A 198 -10.01 -16.77 13.69
N TYR A 199 -10.68 -16.80 14.85
CA TYR A 199 -12.15 -17.00 14.87
C TYR A 199 -12.85 -15.97 14.05
N ALA A 200 -12.48 -14.69 14.22
CA ALA A 200 -13.10 -13.60 13.41
C ALA A 200 -12.92 -13.85 11.96
N PHE A 201 -11.74 -14.33 11.57
CA PHE A 201 -11.47 -14.65 10.17
C PHE A 201 -12.36 -15.80 9.70
N GLY A 202 -12.66 -16.75 10.58
CA GLY A 202 -13.59 -17.80 10.27
C GLY A 202 -14.96 -17.27 9.90
N ILE A 203 -15.41 -16.26 10.65
CA ILE A 203 -16.70 -15.63 10.37
C ILE A 203 -16.62 -14.89 8.99
N VAL A 204 -15.51 -14.20 8.73
CA VAL A 204 -15.32 -13.61 7.39
C VAL A 204 -15.40 -14.67 6.31
N LEU A 205 -14.75 -15.83 6.52
CA LEU A 205 -14.88 -16.93 5.55
C LEU A 205 -16.33 -17.35 5.32
N TYR A 206 -17.05 -17.45 6.43
CA TYR A 206 -18.50 -17.70 6.37
C TYR A 206 -19.22 -16.68 5.51
N GLU A 207 -18.91 -15.40 5.70
CA GLU A 207 -19.54 -14.36 4.89
C GLU A 207 -19.22 -14.52 3.42
N LEU A 208 -17.96 -14.78 3.13
CA LEU A 208 -17.54 -14.93 1.73
C LEU A 208 -18.18 -16.16 1.06
N MET A 209 -18.25 -17.26 1.77
CA MET A 209 -18.66 -18.54 1.16
C MET A 209 -20.15 -18.73 1.20
N THR A 210 -20.87 -18.03 2.07
CA THR A 210 -22.38 -18.07 2.06
C THR A 210 -23.01 -16.86 1.42
N GLY A 211 -22.32 -15.74 1.40
CA GLY A 211 -22.89 -14.46 1.02
C GLY A 211 -23.78 -13.86 2.08
N GLN A 212 -23.81 -14.43 3.28
CA GLN A 212 -24.72 -14.00 4.36
C GLN A 212 -23.94 -13.77 5.64
N LEU A 213 -24.52 -13.00 6.52
CA LEU A 213 -24.02 -12.94 7.92
C LEU A 213 -24.44 -14.21 8.65
N PRO A 214 -23.63 -14.66 9.62
CA PRO A 214 -24.07 -15.77 10.47
C PRO A 214 -25.30 -15.35 11.28
N TYR A 215 -26.09 -16.36 11.66
CA TYR A 215 -27.16 -16.17 12.66
C TYR A 215 -28.27 -15.31 12.09
N SER A 216 -28.49 -15.40 10.79
CA SER A 216 -29.41 -14.49 10.12
C SER A 216 -30.86 -14.63 10.64
N ASN A 217 -31.20 -15.80 11.14
CA ASN A 217 -32.54 -16.06 11.71
C ASN A 217 -32.71 -15.84 13.21
N ILE A 218 -31.63 -15.50 13.88
CA ILE A 218 -31.72 -15.12 15.27
C ILE A 218 -32.10 -13.66 15.31
N ASN A 219 -33.09 -13.34 16.10
CA ASN A 219 -33.71 -12.05 15.99
C ASN A 219 -33.19 -10.97 16.90
N ASN A 220 -32.33 -11.32 17.84
CA ASN A 220 -31.82 -10.29 18.72
C ASN A 220 -30.42 -10.59 19.19
N ARG A 221 -29.67 -9.53 19.47
CA ARG A 221 -28.27 -9.65 19.84
C ARG A 221 -28.07 -10.32 21.16
N ASP A 222 -28.94 -10.05 22.14
CA ASP A 222 -28.79 -10.71 23.41
C ASP A 222 -28.82 -12.22 23.33
N GLN A 223 -29.64 -12.76 22.42
CA GLN A 223 -29.74 -14.20 22.26
C GLN A 223 -28.42 -14.74 21.68
N ILE A 224 -27.82 -13.98 20.77
CA ILE A 224 -26.53 -14.41 20.19
C ILE A 224 -25.45 -14.44 21.26
N ILE A 225 -25.39 -13.38 22.06
CA ILE A 225 -24.44 -13.29 23.13
C ILE A 225 -24.59 -14.46 24.10
N GLU A 226 -25.81 -14.72 24.51
CA GLU A 226 -26.06 -15.81 25.45
C GLU A 226 -25.73 -17.17 24.87
N MET A 227 -26.19 -17.43 23.66
CA MET A 227 -26.04 -18.79 23.12
C MET A 227 -24.64 -19.05 22.61
N VAL A 228 -24.02 -18.07 21.98
CA VAL A 228 -22.61 -18.30 21.58
C VAL A 228 -21.76 -18.48 22.84
N GLY A 229 -22.05 -17.70 23.86
CA GLY A 229 -21.33 -17.87 25.14
C GLY A 229 -21.50 -19.23 25.77
N ARG A 230 -22.68 -19.79 25.67
CA ARG A 230 -22.98 -21.13 26.23
C ARG A 230 -22.56 -22.28 25.34
N GLY A 231 -22.28 -22.02 24.06
CA GLY A 231 -21.87 -23.04 23.13
C GLY A 231 -23.04 -23.66 22.39
N SER A 232 -24.22 -23.06 22.52
CA SER A 232 -25.44 -23.61 21.88
C SER A 232 -25.86 -23.00 20.54
N LEU A 233 -25.16 -21.97 20.12
CA LEU A 233 -25.36 -21.43 18.81
C LEU A 233 -24.06 -21.40 18.00
N SER A 234 -24.10 -21.92 16.77
CA SER A 234 -22.98 -21.95 15.86
C SER A 234 -23.45 -21.59 14.45
N PRO A 235 -22.57 -20.98 13.63
CA PRO A 235 -22.98 -20.65 12.25
C PRO A 235 -23.40 -21.90 11.44
N ASP A 236 -24.43 -21.74 10.58
CA ASP A 236 -24.96 -22.86 9.80
C ASP A 236 -24.11 -23.05 8.57
N LEU A 237 -23.14 -23.94 8.71
CA LEU A 237 -22.14 -24.17 7.67
C LEU A 237 -22.66 -24.81 6.42
N SER A 238 -23.83 -25.39 6.54
CA SER A 238 -24.50 -25.99 5.39
C SER A 238 -24.97 -24.95 4.36
N LYS A 239 -25.00 -23.67 4.74
CA LYS A 239 -25.45 -22.61 3.86
C LYS A 239 -24.41 -22.07 2.86
N VAL A 240 -23.23 -22.68 2.84
CA VAL A 240 -22.26 -22.31 1.84
C VAL A 240 -22.83 -22.51 0.44
N ARG A 241 -22.42 -21.65 -0.48
CA ARG A 241 -22.90 -21.76 -1.85
C ARG A 241 -22.34 -23.01 -2.51
N SER A 242 -23.05 -23.50 -3.54
CA SER A 242 -22.69 -24.78 -4.15
C SER A 242 -21.28 -24.85 -4.71
N ASN A 243 -20.71 -23.70 -5.08
CA ASN A 243 -19.35 -23.66 -5.56
C ASN A 243 -18.28 -23.46 -4.50
N CYS A 244 -18.64 -23.54 -3.22
CA CYS A 244 -17.67 -23.41 -2.17
C CYS A 244 -16.68 -24.57 -2.24
N PRO A 245 -15.39 -24.28 -2.35
CA PRO A 245 -14.43 -25.37 -2.38
C PRO A 245 -14.39 -26.17 -1.08
N LYS A 246 -14.13 -27.45 -1.21
CA LYS A 246 -14.06 -28.35 -0.06
C LYS A 246 -13.04 -27.83 0.97
N ARG A 247 -11.89 -27.36 0.50
CA ARG A 247 -10.87 -26.83 1.40
C ARG A 247 -11.41 -25.72 2.26
N MET A 248 -12.28 -24.88 1.69
CA MET A 248 -12.86 -23.80 2.47
C MET A 248 -13.85 -24.26 3.52
N LYS A 249 -14.62 -25.32 3.24
CA LYS A 249 -15.54 -25.86 4.27
C LYS A 249 -14.75 -26.29 5.47
N ARG A 250 -13.65 -27.02 5.22
CA ARG A 250 -12.82 -27.54 6.31
CA ARG A 250 -12.83 -27.53 6.34
C ARG A 250 -12.17 -26.41 7.08
N LEU A 251 -11.61 -25.47 6.33
CA LEU A 251 -10.83 -24.40 6.95
C LEU A 251 -11.73 -23.49 7.81
N MET A 252 -12.89 -23.16 7.31
CA MET A 252 -13.84 -22.38 8.07
C MET A 252 -14.24 -23.06 9.39
N ALA A 253 -14.54 -24.36 9.33
CA ALA A 253 -14.89 -25.08 10.57
C ALA A 253 -13.72 -25.07 11.58
N GLU A 254 -12.48 -25.17 11.08
CA GLU A 254 -11.31 -25.15 11.98
C GLU A 254 -11.13 -23.80 12.63
N CYS A 255 -11.32 -22.74 11.83
CA CYS A 255 -11.18 -21.39 12.38
C CYS A 255 -12.24 -21.06 13.46
N LEU A 256 -13.39 -21.73 13.36
CA LEU A 256 -14.50 -21.45 14.27
C LEU A 256 -14.53 -22.40 15.49
N LYS A 257 -13.50 -23.22 15.67
CA LYS A 257 -13.46 -24.16 16.81
C LYS A 257 -13.68 -23.45 18.11
N LYS A 258 -14.48 -24.08 18.96
CA LYS A 258 -14.84 -23.47 20.24
C LYS A 258 -13.68 -23.36 21.21
N LYS A 259 -12.79 -24.32 21.22
CA LYS A 259 -11.59 -24.27 22.09
C LYS A 259 -10.49 -23.54 21.34
N ARG A 260 -10.09 -22.40 21.86
CA ARG A 260 -9.23 -21.51 21.09
C ARG A 260 -7.95 -22.15 20.60
N ASP A 261 -7.37 -23.02 21.40
CA ASP A 261 -6.09 -23.63 21.03
C ASP A 261 -6.22 -24.67 19.92
N GLU A 262 -7.43 -25.03 19.53
CA GLU A 262 -7.65 -25.93 18.42
C GLU A 262 -7.76 -25.22 17.08
N ARG A 263 -7.86 -23.91 17.09
CA ARG A 263 -7.90 -23.14 15.83
C ARG A 263 -6.51 -23.10 15.19
N PRO A 264 -6.45 -23.07 13.86
CA PRO A 264 -5.16 -23.01 13.16
C PRO A 264 -4.52 -21.65 13.27
N SER A 265 -3.22 -21.60 13.11
CA SER A 265 -2.47 -20.34 13.08
C SER A 265 -2.59 -19.69 11.73
N PHE A 266 -2.34 -18.39 11.63
CA PHE A 266 -2.39 -17.77 10.32
C PHE A 266 -1.36 -18.30 9.31
N PRO A 267 -0.17 -18.72 9.78
CA PRO A 267 0.69 -19.32 8.75
C PRO A 267 0.06 -20.52 8.04
N ARG A 268 -0.64 -21.34 8.83
CA ARG A 268 -1.31 -22.53 8.26
C ARG A 268 -2.52 -22.17 7.43
N ILE A 269 -3.28 -21.21 7.90
CA ILE A 269 -4.43 -20.69 7.16
C ILE A 269 -3.97 -20.13 5.79
N LEU A 270 -2.99 -19.29 5.82
CA LEU A 270 -2.47 -18.70 4.62
C LEU A 270 -1.99 -19.77 3.62
N ALA A 271 -1.19 -20.71 4.11
CA ALA A 271 -0.67 -21.76 3.25
C ALA A 271 -1.82 -22.54 2.58
N GLU A 272 -2.88 -22.83 3.32
CA GLU A 272 -4.02 -23.58 2.79
C GLU A 272 -4.71 -22.78 1.71
N ILE A 273 -4.91 -21.49 1.95
CA ILE A 273 -5.60 -20.67 0.97
C ILE A 273 -4.73 -20.42 -0.26
N GLU A 274 -3.44 -20.26 -0.06
CA GLU A 274 -2.51 -20.15 -1.22
C GLU A 274 -2.59 -21.42 -2.10
N GLU A 275 -2.70 -22.61 -1.49
CA GLU A 275 -2.82 -23.84 -2.23
C GLU A 275 -4.16 -23.90 -3.00
N LEU A 276 -5.23 -23.52 -2.35
CA LEU A 276 -6.50 -23.44 -3.02
C LEU A 276 -6.50 -22.48 -4.21
N ALA A 277 -5.90 -21.32 -4.03
CA ALA A 277 -5.94 -20.31 -5.09
C ALA A 277 -5.20 -20.83 -6.30
N ARG A 278 -4.11 -21.54 -6.04
CA ARG A 278 -3.35 -22.15 -7.14
C ARG A 278 -4.19 -23.16 -7.90
N GLU A 279 -4.93 -23.98 -7.17
CA GLU A 279 -5.83 -24.96 -7.77
C GLU A 279 -6.94 -24.36 -8.63
N LEU A 280 -7.43 -23.18 -8.30
CA LEU A 280 -8.47 -22.53 -9.08
C LEU A 280 -7.94 -21.74 -10.27
N SER A 281 -6.65 -21.43 -10.32
CA SER A 281 -6.14 -20.41 -11.25
C SER A 281 -6.15 -20.86 -12.72
N ASP B 8 11.27 -2.99 14.34
CA ASP B 8 12.54 -3.33 13.69
C ASP B 8 12.31 -4.18 12.45
N TRP B 9 13.12 -3.85 11.46
CA TRP B 9 12.86 -4.33 10.13
C TRP B 9 13.75 -5.45 9.67
N GLU B 10 14.62 -5.94 10.54
CA GLU B 10 15.48 -7.04 10.16
C GLU B 10 14.64 -8.30 10.12
N ILE B 11 14.69 -9.03 9.03
CA ILE B 11 13.97 -10.28 8.87
C ILE B 11 14.91 -11.47 9.12
N PRO B 12 14.59 -12.30 10.14
CA PRO B 12 15.45 -13.45 10.45
C PRO B 12 15.60 -14.40 9.30
N ASP B 13 16.78 -15.03 9.22
CA ASP B 13 17.05 -15.98 8.15
C ASP B 13 16.10 -17.15 8.27
N GLY B 14 15.69 -17.67 7.12
CA GLY B 14 14.83 -18.82 7.04
C GLY B 14 13.37 -18.46 6.78
N GLN B 15 13.00 -17.23 7.04
CA GLN B 15 11.55 -16.84 6.93
C GLN B 15 11.10 -16.62 5.50
N ILE B 16 11.97 -16.14 4.64
CA ILE B 16 11.61 -15.84 3.27
C ILE B 16 11.91 -17.03 2.39
N THR B 17 10.92 -17.44 1.61
CA THR B 17 11.13 -18.44 0.57
C THR B 17 11.52 -17.71 -0.68
N VAL B 18 12.76 -17.88 -1.14
CA VAL B 18 13.25 -17.12 -2.30
C VAL B 18 12.94 -17.93 -3.55
N GLY B 19 12.15 -17.35 -4.45
CA GLY B 19 11.61 -18.04 -5.61
C GLY B 19 12.31 -17.67 -6.90
N GLN B 20 11.52 -17.37 -7.92
CA GLN B 20 12.04 -17.16 -9.27
C GLN B 20 12.99 -15.98 -9.33
N ARG B 21 14.10 -16.16 -10.04
CA ARG B 21 15.02 -15.09 -10.30
C ARG B 21 14.44 -14.19 -11.38
N ILE B 22 14.39 -12.89 -11.11
CA ILE B 22 13.79 -11.93 -12.03
C ILE B 22 14.87 -11.25 -12.86
N GLY B 23 15.96 -10.81 -12.23
CA GLY B 23 17.03 -10.16 -12.95
C GLY B 23 18.13 -9.64 -12.04
N SER B 24 18.99 -8.72 -12.54
CA SER B 24 19.93 -7.93 -11.67
C SER B 24 19.29 -6.61 -11.19
N GLY B 25 19.69 -6.17 -10.00
CA GLY B 25 19.21 -4.91 -9.43
C GLY B 25 20.22 -3.81 -9.61
N SER B 26 20.08 -2.75 -8.80
CA SER B 26 21.08 -1.69 -8.74
C SER B 26 22.39 -2.18 -8.11
N PHE B 27 22.29 -3.17 -7.21
CA PHE B 27 23.40 -4.11 -6.92
C PHE B 27 22.79 -5.52 -6.93
N GLY B 28 23.53 -6.56 -7.27
CA GLY B 28 23.00 -7.93 -6.96
C GLY B 28 21.86 -8.47 -7.83
N THR B 29 21.00 -9.28 -7.23
CA THR B 29 20.01 -10.13 -7.98
C THR B 29 18.66 -10.02 -7.32
N VAL B 30 17.62 -9.84 -8.13
CA VAL B 30 16.23 -9.72 -7.65
C VAL B 30 15.47 -11.00 -7.90
N TYR B 31 14.74 -11.45 -6.88
CA TYR B 31 13.93 -12.67 -6.92
C TYR B 31 12.52 -12.32 -6.43
N LYS B 32 11.53 -13.06 -6.93
CA LYS B 32 10.22 -13.07 -6.30
C LYS B 32 10.32 -13.98 -5.09
N GLY B 33 9.65 -13.65 -4.02
CA GLY B 33 9.69 -14.51 -2.84
C GLY B 33 8.38 -14.55 -2.11
N LYS B 34 8.34 -15.39 -1.10
CA LYS B 34 7.16 -15.51 -0.20
C LYS B 34 7.57 -15.13 1.21
N TRP B 35 6.79 -14.23 1.81
CA TRP B 35 7.00 -13.78 3.17
C TRP B 35 5.69 -13.08 3.54
N HIS B 36 4.80 -13.80 4.18
CA HIS B 36 3.45 -13.29 4.49
C HIS B 36 2.78 -12.79 3.24
N GLY B 37 2.90 -13.54 2.18
CA GLY B 37 2.44 -13.06 0.86
C GLY B 37 3.58 -12.89 -0.11
N ASP B 38 3.35 -12.19 -1.19
CA ASP B 38 4.41 -11.99 -2.18
C ASP B 38 5.34 -10.90 -1.72
N VAL B 39 6.63 -11.06 -2.01
CA VAL B 39 7.61 -9.99 -1.84
C VAL B 39 8.59 -10.02 -3.01
N ALA B 40 9.36 -8.95 -3.14
CA ALA B 40 10.60 -8.97 -3.94
C ALA B 40 11.78 -8.93 -3.00
N VAL B 41 12.82 -9.67 -3.34
CA VAL B 41 14.03 -9.75 -2.56
C VAL B 41 15.22 -9.43 -3.47
N LYS B 42 15.97 -8.39 -3.13
CA LYS B 42 17.22 -8.08 -3.85
C LYS B 42 18.36 -8.52 -2.94
N MET B 43 19.15 -9.50 -3.43
CA MET B 43 20.22 -10.11 -2.64
C MET B 43 21.58 -9.92 -3.28
N LEU B 44 22.58 -9.76 -2.44
CA LEU B 44 23.96 -9.80 -2.89
C LEU B 44 24.44 -11.22 -2.68
N ASN B 45 24.71 -11.93 -3.77
CA ASN B 45 25.02 -13.34 -3.73
C ASN B 45 26.55 -13.45 -3.78
N VAL B 46 27.15 -13.05 -2.68
CA VAL B 46 28.58 -13.15 -2.45
C VAL B 46 28.75 -13.68 -1.05
N THR B 47 29.92 -14.23 -0.76
CA THR B 47 30.11 -14.83 0.53
C THR B 47 30.61 -13.80 1.56
N ALA B 48 31.26 -12.72 1.10
CA ALA B 48 31.65 -11.64 1.97
C ALA B 48 31.54 -10.30 1.26
N PRO B 49 30.72 -9.38 1.78
CA PRO B 49 30.59 -8.11 1.07
C PRO B 49 31.81 -7.19 1.23
N THR B 50 32.13 -6.45 0.18
CA THR B 50 33.13 -5.40 0.23
C THR B 50 32.63 -4.18 0.98
N PRO B 51 33.54 -3.26 1.37
CA PRO B 51 33.10 -2.01 2.03
C PRO B 51 32.08 -1.22 1.20
N GLN B 52 32.33 -1.15 -0.11
CA GLN B 52 31.43 -0.52 -1.07
C GLN B 52 30.06 -1.16 -1.08
N GLN B 53 30.02 -2.49 -1.09
CA GLN B 53 28.75 -3.22 -1.12
C GLN B 53 27.97 -2.98 0.18
N LEU B 54 28.66 -3.04 1.31
CA LEU B 54 28.01 -2.83 2.59
C LEU B 54 27.46 -1.42 2.67
N GLN B 55 28.22 -0.45 2.21
CA GLN B 55 27.76 0.94 2.23
C GLN B 55 26.58 1.13 1.30
N ALA B 56 26.61 0.53 0.12
CA ALA B 56 25.52 0.70 -0.82
C ALA B 56 24.24 0.10 -0.22
N PHE B 57 24.38 -1.05 0.42
CA PHE B 57 23.25 -1.71 1.09
C PHE B 57 22.68 -0.79 2.18
N LYS B 58 23.59 -0.26 3.02
CA LYS B 58 23.16 0.62 4.08
C LYS B 58 22.45 1.88 3.58
N ASN B 59 22.97 2.47 2.51
CA ASN B 59 22.41 3.68 1.94
C ASN B 59 21.00 3.38 1.41
N GLU B 60 20.87 2.24 0.77
CA GLU B 60 19.58 1.90 0.14
C GLU B 60 18.55 1.60 1.21
N VAL B 61 18.90 0.80 2.21
CA VAL B 61 17.96 0.57 3.31
C VAL B 61 17.61 1.87 4.02
N GLY B 62 18.61 2.73 4.22
CA GLY B 62 18.40 3.96 4.92
C GLY B 62 17.45 4.89 4.19
N VAL B 63 17.57 4.93 2.87
N VAL B 63 17.49 4.97 2.88
CA VAL B 63 16.68 5.75 2.08
CA VAL B 63 16.54 5.85 2.17
C VAL B 63 15.27 5.17 2.09
C VAL B 63 15.16 5.18 2.03
N LEU B 64 15.15 3.86 1.83
CA LEU B 64 13.87 3.20 1.73
C LEU B 64 13.09 3.25 3.03
N ARG B 65 13.76 3.15 4.14
CA ARG B 65 13.09 3.25 5.43
C ARG B 65 12.47 4.58 5.75
N LYS B 66 12.88 5.64 5.04
CA LYS B 66 12.32 6.94 5.21
C LYS B 66 11.04 7.12 4.44
N THR B 67 10.59 6.10 3.68
CA THR B 67 9.46 6.30 2.75
C THR B 67 8.23 5.51 3.13
N ARG B 68 7.10 6.21 3.23
CA ARG B 68 5.77 5.63 3.42
C ARG B 68 4.80 6.41 2.56
N HIS B 69 4.60 5.95 1.32
CA HIS B 69 3.71 6.67 0.37
C HIS B 69 3.21 5.67 -0.65
N VAL B 70 1.95 5.79 -1.05
CA VAL B 70 1.36 4.80 -1.98
C VAL B 70 2.07 4.75 -3.34
N ASN B 71 2.71 5.83 -3.76
CA ASN B 71 3.38 5.86 -5.05
C ASN B 71 4.87 5.62 -4.97
N ILE B 72 5.39 5.19 -3.81
CA ILE B 72 6.80 4.76 -3.69
C ILE B 72 6.80 3.27 -3.35
N LEU B 73 7.59 2.49 -4.07
CA LEU B 73 7.75 1.06 -3.74
C LEU B 73 7.83 0.83 -2.24
N LEU B 74 7.01 -0.07 -1.70
CA LEU B 74 6.97 -0.26 -0.24
C LEU B 74 8.15 -1.12 0.27
N PHE B 75 9.03 -0.49 1.02
CA PHE B 75 10.05 -1.22 1.74
C PHE B 75 9.41 -2.07 2.83
N MET B 76 9.88 -3.30 2.98
CA MET B 76 9.33 -4.21 3.99
C MET B 76 10.35 -4.73 5.02
N GLY B 77 11.63 -4.83 4.68
CA GLY B 77 12.63 -5.33 5.62
C GLY B 77 13.95 -5.60 4.95
N TYR B 78 14.90 -6.08 5.77
CA TYR B 78 16.20 -6.45 5.23
C TYR B 78 16.76 -7.64 5.99
N SER B 79 17.75 -8.27 5.39
CA SER B 79 18.55 -9.31 6.08
C SER B 79 20.03 -9.03 5.86
N THR B 80 20.88 -9.45 6.81
CA THR B 80 22.34 -9.30 6.62
C THR B 80 23.09 -10.62 6.58
N LYS B 81 22.45 -11.71 6.99
CA LYS B 81 23.10 -13.01 7.05
C LYS B 81 22.15 -14.11 6.57
N PRO B 82 22.60 -15.03 5.72
CA PRO B 82 24.00 -15.11 5.21
C PRO B 82 24.40 -14.04 4.18
N GLN B 83 23.42 -13.35 3.56
CA GLN B 83 23.71 -12.41 2.49
C GLN B 83 22.97 -11.11 2.74
N LEU B 84 23.50 -10.01 2.23
CA LEU B 84 22.77 -8.74 2.31
C LEU B 84 21.49 -8.88 1.45
N ALA B 85 20.32 -8.52 1.97
CA ALA B 85 19.06 -8.64 1.21
C ALA B 85 18.16 -7.47 1.57
N ILE B 86 17.51 -6.92 0.56
CA ILE B 86 16.52 -5.85 0.74
C ILE B 86 15.18 -6.40 0.24
N VAL B 87 14.19 -6.33 1.11
CA VAL B 87 12.87 -6.93 0.85
C VAL B 87 11.85 -5.81 0.72
N THR B 88 11.08 -5.89 -0.33
CA THR B 88 10.04 -4.90 -0.61
C THR B 88 8.78 -5.61 -1.06
N GLN B 89 7.69 -4.86 -1.24
CA GLN B 89 6.55 -5.42 -1.90
C GLN B 89 6.88 -5.96 -3.27
N TRP B 90 6.10 -6.93 -3.69
CA TRP B 90 6.11 -7.36 -5.09
C TRP B 90 5.18 -6.45 -5.88
N CYS B 91 5.61 -6.03 -7.05
CA CYS B 91 4.76 -5.26 -7.95
C CYS B 91 4.26 -6.17 -9.09
N GLU B 92 2.95 -6.16 -9.30
CA GLU B 92 2.29 -7.02 -10.25
C GLU B 92 1.98 -6.26 -11.48
N GLY B 93 2.43 -6.72 -12.62
CA GLY B 93 2.21 -5.98 -13.84
C GLY B 93 3.54 -5.71 -14.52
N SER B 94 3.63 -4.53 -15.11
CA SER B 94 4.76 -4.13 -15.91
C SER B 94 5.08 -2.67 -15.66
N SER B 95 6.30 -2.28 -16.01
CA SER B 95 6.68 -0.89 -15.97
C SER B 95 5.96 -0.04 -16.99
N LEU B 96 6.02 1.26 -16.76
CA LEU B 96 5.47 2.22 -17.74
C LEU B 96 6.22 2.15 -19.05
N TYR B 97 7.53 1.94 -19.00
CA TYR B 97 8.33 1.75 -20.25
C TYR B 97 7.74 0.58 -21.05
N HIS B 98 7.51 -0.54 -20.37
CA HIS B 98 7.00 -1.69 -21.05
C HIS B 98 5.66 -1.36 -21.70
N HIS B 99 4.77 -0.72 -20.96
CA HIS B 99 3.45 -0.43 -21.50
C HIS B 99 3.48 0.52 -22.69
N LEU B 100 4.29 1.59 -22.59
CA LEU B 100 4.29 2.59 -23.64
C LEU B 100 5.07 2.15 -24.86
N HIS B 101 6.20 1.50 -24.66
CA HIS B 101 7.16 1.29 -25.74
C HIS B 101 7.26 -0.15 -26.21
N ALA B 102 6.94 -1.13 -25.36
CA ALA B 102 7.09 -2.52 -25.72
C ALA B 102 5.72 -3.03 -26.15
N SER B 103 4.76 -2.97 -25.25
CA SER B 103 3.37 -3.37 -25.60
C SER B 103 2.66 -2.32 -26.41
N GLU B 104 3.06 -1.08 -26.21
CA GLU B 104 2.41 0.07 -26.82
C GLU B 104 0.92 0.08 -26.46
N THR B 105 0.66 -0.29 -25.21
CA THR B 105 -0.62 -0.20 -24.52
C THR B 105 -1.24 1.15 -24.90
N LYS B 106 -2.54 1.15 -25.21
CA LYS B 106 -3.21 2.36 -25.71
C LYS B 106 -4.00 2.95 -24.58
N PHE B 107 -3.39 3.83 -23.80
CA PHE B 107 -4.13 4.39 -22.70
C PHE B 107 -4.94 5.59 -23.17
N GLU B 108 -6.10 5.79 -22.55
CA GLU B 108 -6.88 7.00 -22.73
C GLU B 108 -6.16 8.17 -22.07
N MET B 109 -6.41 9.37 -22.55
CA MET B 109 -5.75 10.57 -22.02
C MET B 109 -6.02 10.75 -20.52
N LYS B 110 -7.25 10.44 -20.06
CA LYS B 110 -7.51 10.54 -18.63
C LYS B 110 -6.52 9.68 -17.80
N LYS B 111 -6.25 8.47 -18.28
CA LYS B 111 -5.34 7.56 -17.57
C LYS B 111 -3.89 8.03 -17.70
N LEU B 112 -3.52 8.56 -18.86
CA LEU B 112 -2.16 9.11 -19.04
C LEU B 112 -1.92 10.24 -18.04
N ILE B 113 -2.90 11.11 -17.89
CA ILE B 113 -2.82 12.20 -16.93
CA ILE B 113 -2.83 12.21 -16.93
C ILE B 113 -2.79 11.66 -15.49
N ASP B 114 -3.58 10.65 -15.22
CA ASP B 114 -3.53 10.03 -13.88
C ASP B 114 -2.18 9.43 -13.58
N ILE B 115 -1.53 8.83 -14.56
CA ILE B 115 -0.19 8.29 -14.32
C ILE B 115 0.77 9.44 -14.04
N ALA B 116 0.68 10.51 -14.81
CA ALA B 116 1.52 11.67 -14.55
C ALA B 116 1.29 12.23 -13.13
N ARG B 117 0.03 12.29 -12.75
CA ARG B 117 -0.36 12.82 -11.42
C ARG B 117 0.22 11.96 -10.30
N GLN B 118 0.05 10.65 -10.42
CA GLN B 118 0.62 9.73 -9.42
C GLN B 118 2.13 9.79 -9.33
N THR B 119 2.80 9.89 -10.49
CA THR B 119 4.24 10.01 -10.49
C THR B 119 4.67 11.31 -9.83
N ALA B 120 3.95 12.41 -10.11
CA ALA B 120 4.29 13.68 -9.46
C ALA B 120 4.05 13.62 -7.94
N ARG B 121 3.02 12.92 -7.48
CA ARG B 121 2.83 12.74 -6.03
C ARG B 121 4.02 12.03 -5.42
N GLY B 122 4.46 10.93 -6.03
CA GLY B 122 5.58 10.18 -5.48
C GLY B 122 6.87 11.01 -5.43
N MET B 123 7.11 11.75 -6.53
CA MET B 123 8.32 12.57 -6.58
C MET B 123 8.27 13.74 -5.62
N ASP B 124 7.11 14.37 -5.51
CA ASP B 124 6.93 15.43 -4.53
C ASP B 124 7.22 14.93 -3.13
N TYR B 125 6.73 13.73 -2.84
CA TYR B 125 7.03 13.09 -1.59
C TYR B 125 8.51 12.85 -1.36
N LEU B 126 9.18 12.28 -2.33
CA LEU B 126 10.61 12.06 -2.21
C LEU B 126 11.37 13.34 -1.91
N HIS B 127 11.08 14.37 -2.68
CA HIS B 127 11.80 15.63 -2.50
C HIS B 127 11.46 16.25 -1.16
N ALA B 128 10.22 16.09 -0.71
CA ALA B 128 9.86 16.55 0.67
C ALA B 128 10.65 15.84 1.75
N LYS B 129 11.02 14.58 1.52
CA LYS B 129 11.82 13.77 2.43
C LYS B 129 13.33 13.97 2.18
N SER B 130 13.72 14.94 1.36
CA SER B 130 15.10 15.24 0.99
C SER B 130 15.80 14.12 0.29
N ILE B 131 15.05 13.39 -0.56
CA ILE B 131 15.58 12.30 -1.36
C ILE B 131 15.60 12.68 -2.81
N ILE B 132 16.79 12.63 -3.42
CA ILE B 132 16.92 12.79 -4.87
CA ILE B 132 16.90 12.80 -4.87
C ILE B 132 16.89 11.42 -5.51
N HIS B 133 16.07 11.22 -6.54
CA HIS B 133 15.99 9.86 -7.10
C HIS B 133 17.26 9.51 -7.89
N ARG B 134 17.68 10.43 -8.77
CA ARG B 134 18.86 10.33 -9.65
C ARG B 134 18.69 9.45 -10.88
N ASP B 135 17.62 8.68 -10.97
CA ASP B 135 17.45 7.80 -12.14
C ASP B 135 15.97 7.61 -12.45
N LEU B 136 15.21 8.68 -12.39
CA LEU B 136 13.79 8.58 -12.78
C LEU B 136 13.68 8.38 -14.31
N LYS B 137 12.86 7.43 -14.71
CA LYS B 137 12.64 7.09 -16.11
C LYS B 137 11.46 6.15 -16.11
N SER B 138 10.86 5.95 -17.26
CA SER B 138 9.66 5.13 -17.29
C SER B 138 9.90 3.67 -16.89
N ASN B 139 11.11 3.14 -17.04
CA ASN B 139 11.38 1.78 -16.56
C ASN B 139 11.33 1.69 -15.06
N ASN B 140 11.46 2.81 -14.39
CA ASN B 140 11.43 2.87 -12.92
C ASN B 140 10.11 3.28 -12.33
N ILE B 141 9.08 3.30 -13.16
CA ILE B 141 7.72 3.61 -12.78
C ILE B 141 6.93 2.32 -13.04
N PHE B 142 6.61 1.62 -11.96
CA PHE B 142 5.88 0.38 -12.13
C PHE B 142 4.41 0.65 -12.11
N LEU B 143 3.62 0.07 -13.04
CA LEU B 143 2.16 0.19 -12.98
C LEU B 143 1.58 -1.02 -12.27
N HIS B 144 1.58 -0.93 -10.94
CA HIS B 144 1.13 -2.06 -10.13
C HIS B 144 -0.34 -2.31 -10.33
N GLU B 145 -0.70 -3.55 -10.59
CA GLU B 145 -2.08 -3.92 -10.90
C GLU B 145 -2.66 -3.04 -12.00
N ASP B 146 -1.79 -2.68 -12.96
CA ASP B 146 -2.11 -1.84 -14.12
C ASP B 146 -2.63 -0.45 -13.79
N ASN B 147 -2.59 -0.02 -12.54
CA ASN B 147 -3.18 1.29 -12.22
C ASN B 147 -2.56 2.14 -11.12
N THR B 148 -1.75 1.58 -10.23
CA THR B 148 -1.09 2.37 -9.21
C THR B 148 0.37 2.48 -9.53
N VAL B 149 0.85 3.69 -9.65
CA VAL B 149 2.23 3.92 -9.88
C VAL B 149 3.04 3.58 -8.64
N LYS B 150 4.12 2.83 -8.82
CA LYS B 150 5.12 2.64 -7.79
C LYS B 150 6.43 3.06 -8.36
N ILE B 151 6.98 4.14 -7.84
CA ILE B 151 8.32 4.56 -8.21
C ILE B 151 9.31 3.71 -7.44
N GLY B 152 10.32 3.22 -8.13
CA GLY B 152 11.46 2.51 -7.49
C GLY B 152 12.72 2.78 -8.26
N ASP B 153 13.75 2.02 -7.93
CA ASP B 153 14.97 2.02 -8.78
C ASP B 153 15.27 0.60 -9.01
N PHE B 154 14.66 0.08 -10.06
CA PHE B 154 14.59 -1.32 -10.36
C PHE B 154 15.80 -1.84 -11.14
N GLY B 155 16.63 -0.96 -11.68
CA GLY B 155 17.73 -1.40 -12.52
C GLY B 155 17.29 -2.35 -13.60
N LEU B 156 18.05 -3.41 -13.78
CA LEU B 156 17.77 -4.37 -14.85
C LEU B 156 16.56 -5.30 -14.61
N ALA B 157 16.00 -5.29 -13.39
CA ALA B 157 14.80 -6.08 -13.14
C ALA B 157 13.63 -5.67 -14.08
N THR B 158 13.61 -4.38 -14.48
CA THR B 158 12.71 -3.82 -15.52
C THR B 158 13.44 -3.30 -16.76
N GLY B 174 21.27 2.83 -20.31
CA GLY B 174 19.79 2.91 -20.31
C GLY B 174 19.10 4.17 -19.77
N SER B 175 19.86 5.22 -19.41
CA SER B 175 19.23 6.44 -18.82
C SER B 175 19.58 7.75 -19.54
N ILE B 176 20.37 7.70 -20.62
CA ILE B 176 20.74 8.97 -21.23
C ILE B 176 19.52 9.79 -21.71
N LEU B 177 18.42 9.14 -22.11
CA LEU B 177 17.30 9.90 -22.64
C LEU B 177 16.62 10.80 -21.59
N TRP B 178 16.80 10.45 -20.31
CA TRP B 178 16.13 11.14 -19.20
C TRP B 178 17.09 12.14 -18.54
N MET B 179 18.35 12.19 -19.02
CA MET B 179 19.38 13.03 -18.37
C MET B 179 19.30 14.48 -18.77
N ALA B 180 19.18 15.35 -17.78
CA ALA B 180 19.21 16.78 -18.04
C ALA B 180 20.53 17.18 -18.72
N PRO B 181 20.52 18.33 -19.46
CA PRO B 181 21.75 18.71 -20.18
C PRO B 181 22.98 18.78 -19.27
N GLU B 182 22.83 19.30 -18.04
CA GLU B 182 23.98 19.39 -17.13
C GLU B 182 24.52 18.02 -16.70
N VAL B 183 23.62 17.03 -16.61
CA VAL B 183 23.97 15.70 -16.28
C VAL B 183 24.66 15.00 -17.48
N ILE B 184 24.06 15.11 -18.65
CA ILE B 184 24.57 14.39 -19.81
C ILE B 184 25.93 14.94 -20.21
N ARG B 185 26.17 16.22 -19.98
CA ARG B 185 27.46 16.75 -20.36
C ARG B 185 28.50 16.59 -19.27
N MET B 186 28.14 16.01 -18.13
CA MET B 186 29.17 15.66 -17.12
C MET B 186 29.85 16.96 -16.68
N GLN B 187 29.00 17.88 -16.24
CA GLN B 187 29.42 19.25 -15.99
C GLN B 187 30.42 19.32 -14.81
N ASP B 188 30.21 18.46 -13.85
CA ASP B 188 31.05 18.37 -12.66
C ASP B 188 30.89 16.97 -12.05
N SER B 189 31.60 16.68 -10.94
CA SER B 189 31.55 15.33 -10.37
C SER B 189 30.21 14.93 -9.77
N ASN B 190 29.29 15.88 -9.53
CA ASN B 190 27.95 15.50 -9.08
C ASN B 190 26.90 16.53 -9.50
N PRO B 191 26.45 16.44 -10.76
CA PRO B 191 25.60 17.48 -11.34
C PRO B 191 24.10 17.25 -11.03
N TYR B 192 23.77 16.36 -10.12
CA TYR B 192 22.37 15.97 -9.86
C TYR B 192 21.73 16.90 -8.86
N SER B 193 20.43 17.11 -8.98
CA SER B 193 19.67 17.97 -8.08
C SER B 193 18.21 17.61 -8.18
N PHE B 194 17.37 18.18 -7.31
CA PHE B 194 15.96 18.06 -7.55
C PHE B 194 15.58 18.47 -8.97
N GLN B 195 16.23 19.52 -9.51
CA GLN B 195 15.91 19.98 -10.86
C GLN B 195 16.30 18.99 -11.94
N SER B 196 17.32 18.14 -11.74
CA SER B 196 17.58 17.11 -12.75
C SER B 196 16.51 16.00 -12.65
N ASP B 197 15.98 15.75 -11.46
CA ASP B 197 14.83 14.83 -11.34
C ASP B 197 13.62 15.43 -12.09
N VAL B 198 13.42 16.75 -11.96
CA VAL B 198 12.33 17.42 -12.67
C VAL B 198 12.47 17.25 -14.16
N TYR B 199 13.67 17.41 -14.70
CA TYR B 199 13.89 17.20 -16.13
C TYR B 199 13.54 15.77 -16.53
N ALA B 200 14.00 14.79 -15.76
CA ALA B 200 13.64 13.38 -16.05
C ALA B 200 12.13 13.20 -16.05
N PHE B 201 11.45 13.86 -15.12
CA PHE B 201 9.98 13.80 -15.10
C PHE B 201 9.41 14.42 -16.36
N GLY B 202 10.02 15.51 -16.84
CA GLY B 202 9.59 16.10 -18.10
C GLY B 202 9.66 15.13 -19.26
N ILE B 203 10.69 14.31 -19.29
CA ILE B 203 10.82 13.28 -20.31
C ILE B 203 9.76 12.19 -20.13
N VAL B 204 9.47 11.77 -18.89
CA VAL B 204 8.35 10.89 -18.66
C VAL B 204 7.03 11.51 -19.18
N LEU B 205 6.81 12.80 -18.93
CA LEU B 205 5.64 13.47 -19.51
C LEU B 205 5.62 13.37 -21.04
N TYR B 206 6.77 13.60 -21.62
CA TYR B 206 6.96 13.46 -23.08
C TYR B 206 6.57 12.04 -23.53
N GLU B 207 7.02 11.01 -22.83
CA GLU B 207 6.69 9.64 -23.19
C GLU B 207 5.19 9.42 -23.09
N LEU B 208 4.57 9.90 -21.99
CA LEU B 208 3.12 9.75 -21.83
C LEU B 208 2.31 10.45 -22.90
N MET B 209 2.69 11.70 -23.19
CA MET B 209 1.92 12.54 -24.07
C MET B 209 2.17 12.29 -25.54
N THR B 210 3.29 11.69 -25.90
CA THR B 210 3.60 11.34 -27.33
C THR B 210 3.48 9.84 -27.64
N GLY B 211 3.59 9.00 -26.62
CA GLY B 211 3.72 7.58 -26.79
C GLY B 211 5.06 7.13 -27.34
N GLN B 212 6.06 8.02 -27.36
CA GLN B 212 7.37 7.73 -27.95
C GLN B 212 8.47 8.14 -26.99
N LEU B 213 9.63 7.54 -27.20
CA LEU B 213 10.84 8.05 -26.61
C LEU B 213 11.32 9.28 -27.36
N PRO B 214 12.00 10.19 -26.66
CA PRO B 214 12.62 11.31 -27.36
C PRO B 214 13.75 10.82 -28.29
N TYR B 215 13.97 11.56 -29.37
CA TYR B 215 15.11 11.35 -30.26
C TYR B 215 15.03 10.02 -31.01
N SER B 216 13.81 9.55 -31.27
CA SER B 216 13.60 8.21 -31.80
C SER B 216 14.22 8.07 -33.20
N ASN B 217 14.36 9.20 -33.88
CA ASN B 217 15.03 9.29 -35.20
C ASN B 217 16.56 9.41 -35.20
N ILE B 218 17.17 9.71 -34.05
CA ILE B 218 18.61 9.89 -33.96
C ILE B 218 19.21 8.49 -33.72
N ASN B 219 20.19 8.11 -34.53
CA ASN B 219 20.67 6.74 -34.52
C ASN B 219 21.81 6.46 -33.59
N ASN B 220 22.50 7.49 -33.13
CA ASN B 220 23.76 7.34 -32.49
C ASN B 220 23.66 7.93 -31.11
N ARG B 221 24.05 7.18 -30.08
CA ARG B 221 24.02 7.67 -28.71
C ARG B 221 24.95 8.84 -28.51
N ASP B 222 26.13 8.78 -29.13
CA ASP B 222 27.09 9.86 -28.93
C ASP B 222 26.59 11.20 -29.47
N GLN B 223 25.83 11.17 -30.54
CA GLN B 223 25.19 12.36 -31.09
C GLN B 223 24.16 12.94 -30.10
N ILE B 224 23.39 12.06 -29.47
CA ILE B 224 22.42 12.52 -28.46
C ILE B 224 23.13 13.18 -27.29
N ILE B 225 24.16 12.51 -26.77
CA ILE B 225 24.93 13.05 -25.67
C ILE B 225 25.50 14.44 -25.98
N GLU B 226 26.14 14.55 -27.15
CA GLU B 226 26.74 15.81 -27.54
C GLU B 226 25.74 16.93 -27.73
N MET B 227 24.66 16.64 -28.47
CA MET B 227 23.74 17.70 -28.87
C MET B 227 22.77 18.06 -27.72
N VAL B 228 22.35 17.08 -26.93
CA VAL B 228 21.55 17.48 -25.77
C VAL B 228 22.39 18.29 -24.79
N GLY B 229 23.63 17.88 -24.55
CA GLY B 229 24.53 18.64 -23.67
C GLY B 229 24.75 20.07 -24.12
N ARG B 230 24.83 20.27 -25.43
CA ARG B 230 25.05 21.61 -26.01
C ARG B 230 23.81 22.44 -26.16
N GLY B 231 22.63 21.83 -26.10
CA GLY B 231 21.41 22.56 -26.27
C GLY B 231 20.94 22.63 -27.72
N SER B 232 21.55 21.85 -28.60
CA SER B 232 21.18 21.85 -30.02
C SER B 232 20.20 20.73 -30.41
N LEU B 233 19.90 19.83 -29.46
CA LEU B 233 18.88 18.81 -29.64
C LEU B 233 18.03 18.89 -28.38
N SER B 234 16.71 18.89 -28.53
CA SER B 234 15.77 18.75 -27.38
C SER B 234 14.57 17.97 -27.90
N PRO B 235 13.73 17.47 -26.99
CA PRO B 235 12.64 16.64 -27.46
C PRO B 235 11.66 17.36 -28.42
N ASP B 236 11.18 16.62 -29.40
CA ASP B 236 10.29 17.18 -30.43
C ASP B 236 8.88 17.23 -29.90
N LEU B 237 8.49 18.42 -29.40
CA LEU B 237 7.18 18.55 -28.75
C LEU B 237 6.00 18.52 -29.77
N SER B 238 6.30 18.61 -31.07
CA SER B 238 5.26 18.38 -32.11
C SER B 238 4.67 16.99 -32.11
N LYS B 239 5.35 16.05 -31.44
CA LYS B 239 4.86 14.68 -31.41
C LYS B 239 3.76 14.49 -30.40
N VAL B 240 3.43 15.51 -29.56
CA VAL B 240 2.34 15.30 -28.59
C VAL B 240 0.99 15.05 -29.22
N ARG B 241 0.23 14.16 -28.60
CA ARG B 241 -1.04 13.78 -29.16
C ARG B 241 -1.97 14.99 -29.18
N SER B 242 -2.90 15.00 -30.12
CA SER B 242 -3.74 16.17 -30.35
C SER B 242 -4.65 16.51 -29.17
N ASN B 243 -4.99 15.53 -28.33
CA ASN B 243 -5.78 15.76 -27.10
C ASN B 243 -4.95 15.94 -25.84
N CYS B 244 -3.63 16.12 -25.99
CA CYS B 244 -2.81 16.53 -24.83
C CYS B 244 -3.32 17.91 -24.39
N PRO B 245 -3.75 18.07 -23.12
CA PRO B 245 -4.17 19.40 -22.68
C PRO B 245 -3.05 20.45 -22.80
N LYS B 246 -3.40 21.66 -23.19
CA LYS B 246 -2.40 22.71 -23.41
C LYS B 246 -1.58 22.94 -22.16
N ARG B 247 -2.23 22.94 -20.99
CA ARG B 247 -1.52 23.13 -19.72
C ARG B 247 -0.47 22.02 -19.48
N MET B 248 -0.76 20.79 -19.92
CA MET B 248 0.23 19.71 -19.80
C MET B 248 1.42 19.89 -20.74
N LYS B 249 1.17 20.31 -21.96
CA LYS B 249 2.26 20.58 -22.88
C LYS B 249 3.16 21.69 -22.34
N ARG B 250 2.56 22.75 -21.80
CA ARG B 250 3.35 23.85 -21.26
C ARG B 250 4.14 23.39 -20.03
N LEU B 251 3.52 22.61 -19.18
CA LEU B 251 4.21 22.08 -18.02
C LEU B 251 5.40 21.22 -18.39
N MET B 252 5.18 20.35 -19.35
CA MET B 252 6.30 19.56 -19.88
C MET B 252 7.46 20.43 -20.37
N ALA B 253 7.14 21.47 -21.10
CA ALA B 253 8.17 22.37 -21.60
C ALA B 253 8.92 23.05 -20.45
N GLU B 254 8.23 23.40 -19.38
CA GLU B 254 8.87 24.01 -18.21
C GLU B 254 9.82 23.01 -17.51
N CYS B 255 9.35 21.77 -17.39
CA CYS B 255 10.17 20.73 -16.73
C CYS B 255 11.44 20.44 -17.55
N LEU B 256 11.34 20.66 -18.87
CA LEU B 256 12.44 20.36 -19.81
C LEU B 256 13.37 21.53 -20.09
N LYS B 257 13.24 22.62 -19.37
CA LYS B 257 14.10 23.78 -19.62
C LYS B 257 15.56 23.40 -19.53
N LYS B 258 16.32 23.88 -20.50
CA LYS B 258 17.70 23.47 -20.59
C LYS B 258 18.49 23.99 -19.41
N LYS B 259 18.18 25.20 -18.94
CA LYS B 259 18.86 25.75 -17.78
C LYS B 259 18.20 25.26 -16.49
N ARG B 260 19.00 24.60 -15.67
CA ARG B 260 18.49 23.95 -14.43
C ARG B 260 17.61 24.81 -13.56
N ASP B 261 18.08 26.05 -13.33
CA ASP B 261 17.38 26.90 -12.40
C ASP B 261 16.05 27.44 -12.89
N GLU B 262 15.72 27.23 -14.18
CA GLU B 262 14.45 27.64 -14.74
C GLU B 262 13.35 26.60 -14.59
N ARG B 263 13.71 25.40 -14.13
CA ARG B 263 12.70 24.35 -13.98
C ARG B 263 11.88 24.53 -12.68
N PRO B 264 10.62 24.11 -12.68
CA PRO B 264 9.75 24.26 -11.50
C PRO B 264 10.05 23.21 -10.46
N SER B 265 9.60 23.43 -9.25
CA SER B 265 9.69 22.47 -8.14
C SER B 265 8.57 21.46 -8.23
N PHE B 266 8.69 20.30 -7.56
CA PHE B 266 7.60 19.39 -7.57
C PHE B 266 6.30 19.86 -6.88
N PRO B 267 6.40 20.68 -5.83
CA PRO B 267 5.11 21.18 -5.30
C PRO B 267 4.31 21.96 -6.33
N ARG B 268 5.01 22.71 -7.17
CA ARG B 268 4.33 23.44 -8.25
C ARG B 268 3.86 22.56 -9.40
N ILE B 269 4.66 21.56 -9.74
CA ILE B 269 4.32 20.58 -10.75
C ILE B 269 3.06 19.82 -10.35
N LEU B 270 3.08 19.33 -9.12
CA LEU B 270 1.95 18.53 -8.62
C LEU B 270 0.67 19.36 -8.59
N ALA B 271 0.76 20.59 -8.09
CA ALA B 271 -0.39 21.47 -8.03
C ALA B 271 -0.95 21.72 -9.42
N GLU B 272 -0.07 21.96 -10.40
CA GLU B 272 -0.52 22.21 -11.75
C GLU B 272 -1.21 20.98 -12.37
N ILE B 273 -0.68 19.79 -12.15
CA ILE B 273 -1.26 18.58 -12.72
C ILE B 273 -2.60 18.32 -12.03
N GLU B 274 -2.64 18.50 -10.71
CA GLU B 274 -3.88 18.28 -9.96
C GLU B 274 -4.97 19.19 -10.54
N GLU B 275 -4.62 20.45 -10.82
CA GLU B 275 -5.59 21.41 -11.33
C GLU B 275 -6.03 21.11 -12.77
N LEU B 276 -5.09 20.82 -13.66
CA LEU B 276 -5.46 20.55 -15.03
C LEU B 276 -6.25 19.23 -15.13
N ALA B 277 -5.96 18.25 -14.26
CA ALA B 277 -6.66 16.97 -14.26
C ALA B 277 -8.12 17.19 -13.82
N ARG B 278 -8.32 18.08 -12.86
CA ARG B 278 -9.65 18.41 -12.31
C ARG B 278 -10.48 19.03 -13.41
N GLU B 279 -9.88 19.94 -14.16
CA GLU B 279 -10.52 20.58 -15.31
C GLU B 279 -10.98 19.62 -16.39
N LEU B 280 -10.22 18.56 -16.64
CA LEU B 280 -10.66 17.61 -17.66
C LEU B 280 -11.88 16.78 -17.23
N SER B 281 -12.03 16.54 -15.92
CA SER B 281 -13.11 15.68 -15.41
C SER B 281 -13.22 15.75 -13.88
#